data_3GN9
#
_entry.id   3GN9
#
_cell.length_a   100.180
_cell.length_b   104.510
_cell.length_c   55.410
_cell.angle_alpha   90.000
_cell.angle_beta   106.160
_cell.angle_gamma   90.000
#
_symmetry.space_group_name_H-M   'C 1 2 1'
#
loop_
_entity.id
_entity.type
_entity.pdbx_description
1 polymer 'Type II secretory pathway, pseudopilin EpsG'
2 non-polymer 'CALCIUM ION'
3 non-polymer D-MALATE
4 water water
#
_entity_poly.entity_id   1
_entity_poly.type   'polypeptide(L)'
_entity_poly.pdbx_seq_one_letter_code
;GAMGNKEKADQQKAITDIVALENALDMYKLDNSVYPTTDQGLEALVTKPSSPEPRNYRNGGYIKRLPKDPWGNEYQYMSP
GDKGTIDIFTLGADGQEGGEGAAADIGNWNMQDFQ
;
_entity_poly.pdbx_strand_id   A,B,C
#
# COMPACT_ATOMS: atom_id res chain seq x y z
N GLY A 4 2.10 -5.41 -38.12
CA GLY A 4 2.73 -5.99 -36.91
C GLY A 4 3.87 -5.15 -36.39
N ASN A 5 4.72 -4.65 -37.29
CA ASN A 5 5.94 -3.93 -36.89
C ASN A 5 5.67 -2.60 -36.18
N LYS A 6 4.82 -1.77 -36.77
CA LYS A 6 4.46 -0.51 -36.10
C LYS A 6 3.68 -0.81 -34.82
N GLU A 7 2.74 -1.75 -34.88
CA GLU A 7 2.04 -2.21 -33.67
C GLU A 7 3.05 -2.55 -32.57
N LYS A 8 4.06 -3.34 -32.93
CA LYS A 8 5.09 -3.77 -31.98
C LYS A 8 5.82 -2.56 -31.38
N ALA A 9 6.28 -1.66 -32.23
CA ALA A 9 6.99 -0.45 -31.81
C ALA A 9 6.17 0.40 -30.84
N ASP A 10 4.88 0.56 -31.14
CA ASP A 10 3.97 1.34 -30.29
C ASP A 10 3.80 0.72 -28.91
N GLN A 11 3.63 -0.60 -28.87
CA GLN A 11 3.47 -1.28 -27.59
C GLN A 11 4.76 -1.20 -26.77
N GLN A 12 5.91 -1.31 -27.42
CA GLN A 12 7.20 -1.13 -26.74
C GLN A 12 7.36 0.26 -26.13
N LYS A 13 6.97 1.30 -26.87
CA LYS A 13 6.97 2.67 -26.38
C LYS A 13 6.05 2.83 -25.15
N ALA A 14 4.83 2.32 -25.25
CA ALA A 14 3.91 2.33 -24.10
C ALA A 14 4.55 1.71 -22.85
N ILE A 15 5.16 0.55 -23.02
CA ILE A 15 5.81 -0.12 -21.90
C ILE A 15 6.92 0.73 -21.32
N THR A 16 7.80 1.22 -22.18
CA THR A 16 8.88 2.12 -21.73
C THR A 16 8.37 3.34 -20.95
N ASP A 17 7.29 3.96 -21.46
CA ASP A 17 6.65 5.10 -20.80
C ASP A 17 6.08 4.75 -19.42
N ILE A 18 5.40 3.62 -19.33
CA ILE A 18 4.82 3.17 -18.07
C ILE A 18 5.92 2.88 -17.04
N VAL A 19 7.02 2.26 -17.47
CA VAL A 19 8.15 2.02 -16.58
C VAL A 19 8.72 3.33 -16.07
N ALA A 20 8.95 4.29 -16.97
CA ALA A 20 9.44 5.61 -16.59
C ALA A 20 8.52 6.34 -15.61
N LEU A 21 7.22 6.33 -15.90
CA LEU A 21 6.23 6.93 -15.01
C LEU A 21 6.20 6.24 -13.65
N GLU A 22 6.21 4.90 -13.64
CA GLU A 22 6.25 4.16 -12.38
C GLU A 22 7.52 4.51 -11.57
N ASN A 23 8.67 4.61 -12.25
CA ASN A 23 9.90 5.05 -11.60
C ASN A 23 9.77 6.43 -11.00
N ALA A 24 9.20 7.37 -11.76
CA ALA A 24 8.96 8.74 -11.28
C ALA A 24 8.02 8.76 -10.07
N LEU A 25 6.95 7.97 -10.15
CA LEU A 25 5.98 7.85 -9.04
C LEU A 25 6.61 7.28 -7.77
N ASP A 26 7.49 6.30 -7.93
CA ASP A 26 8.23 5.77 -6.80
C ASP A 26 9.15 6.83 -6.17
N MET A 27 9.79 7.66 -7.00
CA MET A 27 10.62 8.75 -6.49
CA MET A 27 10.62 8.76 -6.51
C MET A 27 9.77 9.76 -5.71
N TYR A 28 8.58 10.08 -6.23
CA TYR A 28 7.66 10.98 -5.55
C TYR A 28 7.30 10.40 -4.19
N LYS A 29 6.95 9.12 -4.15
CA LYS A 29 6.66 8.48 -2.86
C LYS A 29 7.91 8.44 -1.94
N LEU A 30 9.08 8.20 -2.50
CA LEU A 30 10.29 8.13 -1.70
CA LEU A 30 10.30 8.12 -1.69
C LEU A 30 10.51 9.44 -0.95
N ASP A 31 10.22 10.55 -1.63
CA ASP A 31 10.35 11.89 -1.02
C ASP A 31 9.20 12.23 -0.08
N ASN A 32 7.98 11.88 -0.46
CA ASN A 32 6.77 12.43 0.13
C ASN A 32 5.93 11.50 0.99
N SER A 33 6.29 10.22 0.99
CA SER A 33 5.73 9.15 1.81
C SER A 33 4.41 8.59 1.25
N VAL A 34 3.85 9.26 0.25
CA VAL A 34 2.63 8.83 -0.45
C VAL A 34 2.77 8.99 -1.96
N TYR A 35 1.92 8.29 -2.70
CA TYR A 35 1.78 8.50 -4.12
C TYR A 35 0.78 9.66 -4.37
N PRO A 36 0.93 10.37 -5.50
CA PRO A 36 -0.14 11.26 -5.94
C PRO A 36 -1.49 10.54 -6.01
N THR A 37 -2.56 11.24 -5.71
CA THR A 37 -3.92 10.67 -5.79
C THR A 37 -4.38 10.70 -7.24
N THR A 38 -5.46 9.99 -7.56
CA THR A 38 -6.08 10.05 -8.89
C THR A 38 -6.31 11.50 -9.31
N ASP A 39 -6.79 12.33 -8.39
CA ASP A 39 -7.15 13.70 -8.72
CA ASP A 39 -7.15 13.70 -8.70
C ASP A 39 -5.93 14.55 -8.99
N GLN A 40 -4.86 14.30 -8.24
CA GLN A 40 -3.61 15.01 -8.44
C GLN A 40 -3.02 14.59 -9.78
N GLY A 41 -3.15 13.30 -10.08
CA GLY A 41 -2.75 12.79 -11.35
C GLY A 41 -1.28 12.70 -11.62
N LEU A 42 -0.95 12.30 -12.84
CA LEU A 42 0.46 12.22 -13.28
C LEU A 42 1.07 13.62 -13.35
N GLU A 43 0.23 14.64 -13.50
CA GLU A 43 0.70 16.04 -13.47
C GLU A 43 1.48 16.42 -12.17
N ALA A 44 1.23 15.67 -11.10
CA ALA A 44 1.95 15.82 -9.82
C ALA A 44 3.43 15.52 -9.96
N LEU A 45 3.78 14.75 -10.99
CA LEU A 45 5.19 14.48 -11.30
C LEU A 45 5.92 15.68 -11.92
N VAL A 46 5.17 16.61 -12.51
CA VAL A 46 5.74 17.76 -13.23
C VAL A 46 5.75 19.02 -12.39
N THR A 47 4.69 19.26 -11.64
CA THR A 47 4.65 20.42 -10.75
C THR A 47 3.94 20.06 -9.46
N LYS A 48 4.29 20.77 -8.41
CA LYS A 48 3.79 20.47 -7.08
C LYS A 48 2.27 20.54 -7.05
N PRO A 49 1.65 19.42 -6.68
CA PRO A 49 0.18 19.36 -6.65
C PRO A 49 -0.43 19.91 -5.37
N SER A 50 -1.75 19.97 -5.38
CA SER A 50 -2.53 20.45 -4.25
C SER A 50 -3.40 19.31 -3.74
N SER A 51 -3.94 19.48 -2.54
CA SER A 51 -5.11 18.73 -2.09
C SER A 51 -4.90 17.21 -2.06
N PRO A 52 -4.00 16.73 -1.19
CA PRO A 52 -3.20 17.40 -0.19
C PRO A 52 -1.83 17.67 -0.73
N GLU A 53 -1.26 18.84 -0.41
CA GLU A 53 0.02 19.26 -0.98
C GLU A 53 1.18 18.49 -0.31
N PRO A 54 2.06 17.86 -1.11
CA PRO A 54 3.17 17.12 -0.49
C PRO A 54 4.06 18.04 0.30
N ARG A 55 4.74 17.46 1.28
CA ARG A 55 5.57 18.27 2.20
C ARG A 55 7.07 18.22 1.95
N ASN A 56 7.52 17.43 0.98
CA ASN A 56 8.93 17.34 0.65
C ASN A 56 9.14 17.27 -0.87
N TYR A 57 8.37 18.06 -1.61
CA TYR A 57 8.40 18.00 -3.06
C TYR A 57 9.75 18.46 -3.63
N ARG A 58 10.33 17.65 -4.48
CA ARG A 58 11.61 17.94 -5.14
C ARG A 58 11.51 19.20 -6.01
N ASN A 59 12.39 20.16 -5.77
CA ASN A 59 12.57 21.35 -6.62
C ASN A 59 12.58 20.98 -8.12
N GLY A 60 11.53 21.33 -8.84
CA GLY A 60 11.48 21.10 -10.29
C GLY A 60 10.89 19.77 -10.72
N GLY A 61 10.28 19.05 -9.79
CA GLY A 61 9.54 17.85 -10.13
C GLY A 61 10.37 16.60 -10.36
N TYR A 62 9.72 15.59 -10.91
CA TYR A 62 10.24 14.25 -10.98
C TYR A 62 10.42 13.77 -12.42
N ILE A 63 9.85 14.49 -13.38
CA ILE A 63 9.98 14.19 -14.81
C ILE A 63 9.86 15.56 -15.55
N LYS A 64 10.53 15.74 -16.66
CA LYS A 64 10.50 17.08 -17.30
C LYS A 64 9.17 17.35 -17.99
N ARG A 65 8.53 16.29 -18.46
CA ARG A 65 7.23 16.40 -19.09
C ARG A 65 6.56 15.04 -19.10
N LEU A 66 5.25 15.05 -19.18
CA LEU A 66 4.52 13.81 -19.27
C LEU A 66 4.50 13.31 -20.71
N PRO A 67 4.86 12.04 -20.93
CA PRO A 67 4.68 11.50 -22.27
C PRO A 67 3.20 11.25 -22.53
N LYS A 68 2.79 11.37 -23.78
CA LYS A 68 1.48 10.86 -24.20
C LYS A 68 1.70 9.48 -24.79
N ASP A 69 0.64 8.71 -24.89
CA ASP A 69 0.80 7.36 -25.37
C ASP A 69 0.97 7.33 -26.90
N PRO A 70 1.32 6.17 -27.47
CA PRO A 70 1.60 6.06 -28.89
C PRO A 70 0.45 6.48 -29.80
N TRP A 71 -0.77 6.52 -29.27
CA TRP A 71 -1.94 6.92 -30.05
C TRP A 71 -2.38 8.37 -29.77
N GLY A 72 -1.54 9.13 -29.09
CA GLY A 72 -1.80 10.55 -28.91
C GLY A 72 -2.63 10.88 -27.68
N ASN A 73 -2.91 9.88 -26.84
CA ASN A 73 -3.75 10.05 -25.66
C ASN A 73 -2.96 10.06 -24.35
N GLU A 74 -3.48 10.76 -23.35
CA GLU A 74 -2.80 10.82 -22.07
C GLU A 74 -2.84 9.46 -21.39
N TYR A 75 -1.74 9.08 -20.75
CA TYR A 75 -1.72 7.88 -19.90
C TYR A 75 -2.72 8.07 -18.77
N GLN A 76 -3.31 6.96 -18.33
CA GLN A 76 -4.30 6.95 -17.27
C GLN A 76 -3.64 6.56 -15.96
N TYR A 77 -4.20 7.05 -14.86
CA TYR A 77 -3.58 6.88 -13.54
C TYR A 77 -4.66 6.82 -12.50
N MET A 78 -4.55 5.83 -11.62
CA MET A 78 -5.43 5.73 -10.47
C MET A 78 -4.64 5.43 -9.20
N SER A 79 -4.93 6.18 -8.14
CA SER A 79 -4.39 5.93 -6.83
C SER A 79 -5.43 6.41 -5.83
N PRO A 80 -6.11 5.49 -5.14
CA PRO A 80 -5.93 4.03 -5.17
C PRO A 80 -6.35 3.34 -6.48
N GLY A 81 -5.55 2.37 -6.92
CA GLY A 81 -5.82 1.63 -8.15
C GLY A 81 -6.83 0.54 -7.92
N ASP A 82 -7.28 -0.04 -9.03
CA ASP A 82 -8.17 -1.18 -9.02
C ASP A 82 -7.38 -2.46 -9.20
N LYS A 83 -6.33 -2.46 -10.04
CA LYS A 83 -5.55 -3.69 -10.26
C LYS A 83 -4.36 -3.82 -9.32
N GLY A 84 -3.98 -2.72 -8.68
CA GLY A 84 -2.84 -2.71 -7.75
C GLY A 84 -2.90 -1.47 -6.90
N THR A 85 -1.86 -1.22 -6.09
CA THR A 85 -1.78 -0.03 -5.26
C THR A 85 -1.94 1.26 -6.09
N ILE A 86 -1.18 1.35 -7.19
CA ILE A 86 -1.40 2.39 -8.20
C ILE A 86 -1.53 1.72 -9.59
N ASP A 87 -2.46 2.20 -10.42
CA ASP A 87 -2.65 1.72 -11.79
C ASP A 87 -2.12 2.79 -12.73
N ILE A 88 -1.22 2.41 -13.64
CA ILE A 88 -0.70 3.29 -14.69
C ILE A 88 -0.94 2.56 -16.01
N PHE A 89 -1.67 3.15 -16.94
CA PHE A 89 -2.06 2.43 -18.16
C PHE A 89 -2.42 3.27 -19.37
N THR A 90 -2.43 2.60 -20.53
CA THR A 90 -2.99 3.12 -21.77
C THR A 90 -4.10 2.19 -22.20
N LEU A 91 -5.22 2.75 -22.65
CA LEU A 91 -6.31 1.91 -23.19
C LEU A 91 -6.07 1.44 -24.63
N GLY A 92 -4.86 1.63 -25.16
CA GLY A 92 -4.52 1.13 -26.47
C GLY A 92 -5.11 1.95 -27.61
N ALA A 93 -5.00 1.40 -28.81
CA ALA A 93 -5.34 2.11 -30.04
C ALA A 93 -6.79 2.62 -30.09
N ASP A 94 -7.69 1.91 -29.40
CA ASP A 94 -9.11 2.21 -29.51
C ASP A 94 -9.57 3.23 -28.48
N GLY A 95 -8.67 3.59 -27.57
CA GLY A 95 -8.98 4.58 -26.55
C GLY A 95 -10.08 4.13 -25.61
N GLN A 96 -10.23 2.82 -25.46
CA GLN A 96 -11.33 2.24 -24.71
C GLN A 96 -10.91 0.93 -24.04
N GLU A 97 -11.66 0.50 -23.03
CA GLU A 97 -11.33 -0.68 -22.24
C GLU A 97 -11.52 -1.96 -23.02
N GLY A 98 -10.61 -2.90 -22.84
CA GLY A 98 -10.63 -4.16 -23.59
C GLY A 98 -10.10 -4.00 -25.00
N GLY A 99 -10.02 -5.11 -25.71
CA GLY A 99 -9.51 -5.13 -27.07
C GLY A 99 -8.28 -5.99 -27.18
N GLU A 100 -7.96 -6.38 -28.42
CA GLU A 100 -6.83 -7.23 -28.72
C GLU A 100 -5.97 -6.52 -29.77
N GLY A 101 -4.79 -7.05 -30.03
CA GLY A 101 -3.88 -6.41 -30.98
C GLY A 101 -3.52 -5.04 -30.46
N ALA A 102 -3.52 -4.04 -31.35
CA ALA A 102 -3.11 -2.67 -30.98
C ALA A 102 -4.09 -1.97 -30.02
N ALA A 103 -5.31 -2.48 -29.93
CA ALA A 103 -6.33 -1.92 -29.03
C ALA A 103 -6.23 -2.44 -27.59
N ALA A 104 -5.32 -3.40 -27.34
CA ALA A 104 -5.25 -4.04 -26.03
C ALA A 104 -4.80 -3.00 -25.02
N ASP A 105 -5.24 -3.12 -23.78
CA ASP A 105 -4.82 -2.21 -22.72
C ASP A 105 -3.50 -2.67 -22.18
N ILE A 106 -2.61 -1.73 -21.91
CA ILE A 106 -1.30 -2.08 -21.40
C ILE A 106 -1.19 -1.25 -20.13
N GLY A 107 -0.96 -1.92 -19.00
CA GLY A 107 -0.82 -1.22 -17.72
C GLY A 107 0.34 -1.78 -16.92
N ASN A 108 0.63 -1.16 -15.79
CA ASN A 108 1.72 -1.61 -14.94
C ASN A 108 1.47 -3.00 -14.36
N TRP A 109 0.22 -3.46 -14.45
CA TRP A 109 -0.18 -4.76 -13.91
C TRP A 109 -0.05 -5.92 -14.91
N ASN A 110 -0.01 -5.62 -16.20
CA ASN A 110 0.09 -6.69 -17.22
C ASN A 110 1.20 -6.50 -18.27
N MET A 111 2.13 -5.57 -18.03
CA MET A 111 3.20 -5.24 -19.01
C MET A 111 3.89 -6.49 -19.51
N GLN A 112 4.21 -7.37 -18.57
CA GLN A 112 4.86 -8.67 -18.81
C GLN A 112 4.28 -9.46 -19.98
N ASP A 113 2.96 -9.35 -20.20
CA ASP A 113 2.29 -10.07 -21.28
C ASP A 113 2.73 -9.61 -22.67
N PHE A 114 3.17 -8.36 -22.77
CA PHE A 114 3.51 -7.76 -24.05
C PHE A 114 5.03 -7.69 -24.19
N GLN A 115 5.73 -8.67 -23.61
CA GLN A 115 7.15 -8.54 -23.34
C GLN A 115 7.93 -9.70 -23.94
N GLY B 4 23.88 -26.51 9.96
CA GLY B 4 24.70 -26.39 11.21
C GLY B 4 23.88 -25.84 12.35
N ASN B 5 24.32 -26.05 13.59
CA ASN B 5 23.61 -25.52 14.76
C ASN B 5 23.59 -23.99 14.76
N LYS B 6 24.75 -23.38 14.48
CA LYS B 6 24.88 -21.92 14.49
C LYS B 6 24.11 -21.28 13.33
N GLU B 7 24.22 -21.84 12.12
CA GLU B 7 23.48 -21.34 10.95
C GLU B 7 21.98 -21.27 11.25
N LYS B 8 21.47 -22.32 11.88
CA LYS B 8 20.07 -22.40 12.28
C LYS B 8 19.71 -21.29 13.26
N ALA B 9 20.52 -21.17 14.31
CA ALA B 9 20.33 -20.15 15.34
C ALA B 9 20.37 -18.74 14.73
N ASP B 10 21.31 -18.50 13.82
CA ASP B 10 21.43 -17.19 13.14
C ASP B 10 20.20 -16.88 12.28
N GLN B 11 19.69 -17.88 11.56
CA GLN B 11 18.50 -17.67 10.74
C GLN B 11 17.26 -17.43 11.59
N GLN B 12 17.16 -18.09 12.75
CA GLN B 12 16.08 -17.83 13.71
CA GLN B 12 16.05 -17.81 13.65
C GLN B 12 16.12 -16.40 14.23
N LYS B 13 17.31 -15.95 14.61
CA LYS B 13 17.48 -14.58 15.14
C LYS B 13 17.07 -13.56 14.08
N ALA B 14 17.50 -13.77 12.84
CA ALA B 14 17.09 -12.91 11.73
C ALA B 14 15.57 -12.87 11.56
N ILE B 15 14.94 -14.04 11.56
CA ILE B 15 13.48 -14.10 11.48
C ILE B 15 12.85 -13.31 12.63
N THR B 16 13.32 -13.55 13.85
CA THR B 16 12.83 -12.86 15.03
C THR B 16 13.01 -11.33 14.91
N ASP B 17 14.17 -10.89 14.44
CA ASP B 17 14.40 -9.47 14.28
C ASP B 17 13.47 -8.85 13.24
N ILE B 18 13.27 -9.55 12.13
CA ILE B 18 12.42 -9.05 11.05
C ILE B 18 10.97 -8.91 11.49
N VAL B 19 10.47 -9.92 12.21
CA VAL B 19 9.13 -9.88 12.77
C VAL B 19 9.00 -8.69 13.73
N ALA B 20 10.00 -8.49 14.59
CA ALA B 20 9.97 -7.39 15.53
C ALA B 20 9.94 -6.06 14.79
N LEU B 21 10.77 -5.94 13.75
CA LEU B 21 10.86 -4.70 12.98
C LEU B 21 9.56 -4.43 12.23
N GLU B 22 8.98 -5.43 11.61
CA GLU B 22 7.72 -5.25 10.93
C GLU B 22 6.60 -4.84 11.90
N ASN B 23 6.59 -5.41 13.11
CA ASN B 23 5.62 -5.01 14.12
C ASN B 23 5.78 -3.53 14.50
N ALA B 24 7.03 -3.11 14.69
CA ALA B 24 7.32 -1.69 14.99
C ALA B 24 6.90 -0.77 13.85
N LEU B 25 7.19 -1.19 12.62
CA LEU B 25 6.81 -0.43 11.44
C LEU B 25 5.30 -0.30 11.33
N ASP B 26 4.57 -1.38 11.64
CA ASP B 26 3.13 -1.34 11.72
C ASP B 26 2.64 -0.35 12.79
N MET B 27 3.30 -0.31 13.94
CA MET B 27 2.95 0.63 15.00
CA MET B 27 2.94 0.63 15.00
C MET B 27 3.16 2.06 14.54
N TYR B 28 4.28 2.29 13.82
CA TYR B 28 4.59 3.59 13.23
C TYR B 28 3.47 4.02 12.29
N LYS B 29 3.04 3.13 11.38
CA LYS B 29 1.93 3.44 10.49
C LYS B 29 0.57 3.59 11.19
N LEU B 30 0.33 2.81 12.25
CA LEU B 30 -0.92 2.98 13.01
C LEU B 30 -1.02 4.40 13.56
N ASP B 31 0.09 4.94 14.02
CA ASP B 31 0.14 6.31 14.53
C ASP B 31 0.16 7.38 13.44
N ASN B 32 0.94 7.15 12.37
CA ASN B 32 1.32 8.23 11.47
C ASN B 32 0.69 8.17 10.07
N SER B 33 0.01 7.05 9.77
CA SER B 33 -0.78 6.76 8.56
C SER B 33 0.08 6.32 7.36
N VAL B 34 1.40 6.44 7.47
CA VAL B 34 2.35 5.98 6.46
C VAL B 34 3.50 5.20 7.12
N TYR B 35 4.21 4.41 6.33
CA TYR B 35 5.48 3.82 6.77
C TYR B 35 6.60 4.82 6.56
N PRO B 36 7.73 4.64 7.27
CA PRO B 36 8.94 5.38 6.91
C PRO B 36 9.36 5.10 5.47
N THR B 37 9.90 6.11 4.80
CA THR B 37 10.44 5.95 3.44
C THR B 37 11.83 5.32 3.52
N THR B 38 12.36 4.88 2.38
CA THR B 38 13.69 4.30 2.30
C THR B 38 14.74 5.22 2.92
N ASP B 39 14.65 6.50 2.60
CA ASP B 39 15.63 7.49 3.05
CA ASP B 39 15.61 7.50 3.04
C ASP B 39 15.53 7.75 4.55
N GLN B 40 14.34 7.69 5.10
CA GLN B 40 14.17 7.83 6.54
C GLN B 40 14.74 6.60 7.23
N GLY B 41 14.47 5.43 6.66
CA GLY B 41 15.05 4.17 7.15
C GLY B 41 14.44 3.62 8.41
N LEU B 42 14.99 2.46 8.84
CA LEU B 42 14.56 1.83 10.08
C LEU B 42 14.86 2.73 11.28
N GLU B 43 15.83 3.61 11.12
CA GLU B 43 16.15 4.58 12.15
C GLU B 43 14.94 5.43 12.58
N ALA B 44 13.96 5.56 11.68
CA ALA B 44 12.73 6.29 11.97
C ALA B 44 11.96 5.65 13.13
N LEU B 45 12.23 4.37 13.40
CA LEU B 45 11.63 3.68 14.53
C LEU B 45 12.22 4.10 15.86
N VAL B 46 13.42 4.68 15.84
CA VAL B 46 14.12 5.04 17.07
C VAL B 46 14.00 6.52 17.40
N THR B 47 14.17 7.36 16.38
CA THR B 47 14.01 8.80 16.55
C THR B 47 13.19 9.40 15.40
N LYS B 48 12.43 10.44 15.72
CA LYS B 48 11.53 11.09 14.76
C LYS B 48 12.30 11.48 13.51
N PRO B 49 11.88 10.96 12.36
CA PRO B 49 12.57 11.30 11.12
C PRO B 49 12.15 12.65 10.52
N SER B 50 12.83 13.04 9.45
CA SER B 50 12.57 14.23 8.70
C SER B 50 12.16 13.86 7.28
N SER B 51 11.60 14.83 6.57
CA SER B 51 11.51 14.79 5.11
C SER B 51 10.78 13.57 4.55
N PRO B 52 9.46 13.43 4.80
CA PRO B 52 8.59 14.34 5.54
C PRO B 52 8.40 13.95 7.00
N GLU B 53 8.39 14.94 7.88
CA GLU B 53 8.29 14.65 9.32
C GLU B 53 6.89 14.14 9.68
N PRO B 54 6.80 12.96 10.32
CA PRO B 54 5.50 12.51 10.77
C PRO B 54 4.83 13.43 11.78
N ARG B 55 3.50 13.42 11.78
CA ARG B 55 2.70 14.36 12.57
C ARG B 55 2.08 13.79 13.85
N ASN B 56 2.33 12.51 14.16
CA ASN B 56 1.83 11.91 15.39
C ASN B 56 2.85 10.89 15.92
N TYR B 57 4.11 11.30 15.93
CA TYR B 57 5.19 10.41 16.34
C TYR B 57 5.17 10.11 17.85
N ARG B 58 5.24 8.82 18.19
CA ARG B 58 5.20 8.38 19.58
C ARG B 58 6.40 8.92 20.33
N ASN B 59 6.17 9.58 21.45
CA ASN B 59 7.28 10.04 22.29
CA ASN B 59 7.28 10.03 22.30
C ASN B 59 8.19 8.86 22.65
N GLY B 60 9.47 8.99 22.38
CA GLY B 60 10.43 7.92 22.65
C GLY B 60 10.60 6.89 21.55
N GLY B 61 9.78 6.96 20.51
CA GLY B 61 9.93 6.09 19.34
C GLY B 61 9.27 4.74 19.54
N TYR B 62 9.56 3.83 18.62
CA TYR B 62 8.81 2.57 18.49
C TYR B 62 9.62 1.32 18.84
N ILE B 63 10.94 1.48 18.93
CA ILE B 63 11.84 0.39 19.36
C ILE B 63 13.00 1.07 20.10
N LYS B 64 13.60 0.41 21.10
CA LYS B 64 14.65 1.05 21.91
C LYS B 64 15.96 1.20 21.13
N ARG B 65 16.24 0.25 20.25
CA ARG B 65 17.40 0.33 19.36
C ARG B 65 17.18 -0.60 18.18
N LEU B 66 17.92 -0.37 17.10
CA LEU B 66 17.87 -1.27 15.96
C LEU B 66 18.91 -2.35 16.17
N PRO B 67 18.50 -3.62 16.09
CA PRO B 67 19.50 -4.66 16.13
C PRO B 67 20.21 -4.73 14.79
N LYS B 68 21.48 -5.14 14.81
CA LYS B 68 22.18 -5.57 13.61
C LYS B 68 21.79 -7.02 13.34
N ASP B 69 22.05 -7.50 12.13
CA ASP B 69 21.72 -8.87 11.79
C ASP B 69 22.78 -9.85 12.39
N PRO B 70 22.52 -11.16 12.34
CA PRO B 70 23.45 -12.08 13.00
C PRO B 70 24.90 -12.05 12.48
N TRP B 71 25.13 -11.41 11.35
CA TRP B 71 26.48 -11.31 10.78
C TRP B 71 27.11 -9.91 10.93
N GLY B 72 26.55 -9.10 11.82
CA GLY B 72 27.14 -7.79 12.15
C GLY B 72 26.74 -6.64 11.24
N ASN B 73 25.76 -6.87 10.36
CA ASN B 73 25.35 -5.88 9.38
C ASN B 73 23.96 -5.31 9.66
N GLU B 74 23.71 -4.08 9.22
CA GLU B 74 22.43 -3.46 9.43
C GLU B 74 21.36 -4.18 8.61
N TYR B 75 20.18 -4.36 9.18
CA TYR B 75 19.02 -4.79 8.40
C TYR B 75 18.72 -3.75 7.32
N GLN B 76 18.25 -4.21 6.16
CA GLN B 76 17.95 -3.37 5.00
C GLN B 76 16.46 -3.13 4.92
N TYR B 77 16.06 -1.98 4.40
CA TYR B 77 14.65 -1.57 4.39
C TYR B 77 14.36 -0.77 3.12
N MET B 78 13.23 -1.04 2.49
CA MET B 78 12.81 -0.30 1.28
C MET B 78 11.33 0.01 1.33
N SER B 79 10.99 1.27 1.10
CA SER B 79 9.62 1.74 1.09
C SER B 79 9.56 2.94 0.16
N PRO B 80 8.99 2.77 -1.04
CA PRO B 80 8.34 1.55 -1.54
C PRO B 80 9.29 0.37 -1.75
N GLY B 81 8.81 -0.81 -1.37
CA GLY B 81 9.57 -2.04 -1.55
C GLY B 81 9.48 -2.55 -2.98
N ASP B 82 10.36 -3.49 -3.30
CA ASP B 82 10.34 -4.20 -4.59
C ASP B 82 9.53 -5.49 -4.50
N LYS B 83 9.59 -6.18 -3.36
CA LYS B 83 8.89 -7.45 -3.18
C LYS B 83 7.52 -7.29 -2.53
N GLY B 84 7.31 -6.18 -1.82
CA GLY B 84 6.00 -5.86 -1.23
C GLY B 84 5.88 -4.38 -0.93
N THR B 85 4.80 -3.98 -0.25
CA THR B 85 4.65 -2.59 0.18
C THR B 85 5.92 -2.07 0.84
N ILE B 86 6.45 -2.86 1.77
CA ILE B 86 7.73 -2.54 2.38
C ILE B 86 8.60 -3.80 2.40
N ASP B 87 9.90 -3.64 2.14
CA ASP B 87 10.84 -4.75 2.22
C ASP B 87 11.71 -4.56 3.44
N ILE B 88 11.84 -5.62 4.24
CA ILE B 88 12.74 -5.65 5.40
C ILE B 88 13.55 -6.93 5.25
N PHE B 89 14.87 -6.83 5.26
CA PHE B 89 15.67 -8.01 4.99
C PHE B 89 17.11 -7.95 5.47
N THR B 90 17.71 -9.14 5.58
CA THR B 90 19.15 -9.33 5.74
C THR B 90 19.67 -10.05 4.49
N LEU B 91 20.87 -9.67 4.05
CA LEU B 91 21.52 -10.34 2.92
C LEU B 91 22.31 -11.59 3.33
N GLY B 92 22.23 -12.01 4.59
CA GLY B 92 22.85 -13.26 5.02
C GLY B 92 24.34 -13.15 5.27
N ALA B 93 24.99 -14.31 5.47
CA ALA B 93 26.39 -14.37 5.88
C ALA B 93 27.39 -13.66 4.96
N ASP B 94 27.08 -13.60 3.66
CA ASP B 94 28.01 -13.05 2.68
C ASP B 94 27.90 -11.53 2.55
N GLY B 95 26.79 -10.97 2.99
CA GLY B 95 26.54 -9.53 2.88
C GLY B 95 26.25 -9.08 1.46
N GLN B 96 25.71 -9.99 0.64
CA GLN B 96 25.44 -9.71 -0.77
C GLN B 96 24.16 -10.40 -1.25
N GLU B 97 23.51 -9.80 -2.25
CA GLU B 97 22.27 -10.35 -2.83
C GLU B 97 22.42 -11.80 -3.26
N GLY B 98 21.37 -12.59 -3.05
CA GLY B 98 21.39 -14.01 -3.40
C GLY B 98 22.19 -14.86 -2.44
N GLY B 99 22.30 -16.14 -2.76
CA GLY B 99 23.04 -17.10 -1.95
C GLY B 99 22.17 -18.25 -1.46
N GLU B 100 22.82 -19.31 -1.02
CA GLU B 100 22.16 -20.49 -0.47
C GLU B 100 22.75 -20.74 0.91
N GLY B 101 22.08 -21.54 1.72
CA GLY B 101 22.55 -21.81 3.09
C GLY B 101 22.63 -20.52 3.90
N ALA B 102 23.74 -20.36 4.63
CA ALA B 102 23.94 -19.20 5.51
C ALA B 102 23.95 -17.87 4.77
N ALA B 103 24.40 -17.87 3.52
CA ALA B 103 24.44 -16.66 2.69
C ALA B 103 23.07 -16.23 2.14
N ALA B 104 22.06 -17.09 2.27
CA ALA B 104 20.72 -16.81 1.74
C ALA B 104 20.13 -15.51 2.30
N ASP B 105 19.44 -14.76 1.45
CA ASP B 105 18.77 -13.55 1.88
C ASP B 105 17.46 -13.89 2.56
N ILE B 106 17.24 -13.34 3.75
CA ILE B 106 16.00 -13.53 4.48
C ILE B 106 15.32 -12.18 4.60
N GLY B 107 14.08 -12.11 4.14
CA GLY B 107 13.31 -10.88 4.16
C GLY B 107 11.92 -11.17 4.61
N ASN B 108 11.11 -10.12 4.81
CA ASN B 108 9.71 -10.30 5.20
C ASN B 108 8.85 -10.94 4.11
N TRP B 109 9.34 -11.00 2.88
CA TRP B 109 8.61 -11.63 1.78
C TRP B 109 8.80 -13.15 1.68
N ASN B 110 9.80 -13.71 2.35
CA ASN B 110 10.08 -15.16 2.26
C ASN B 110 10.45 -15.85 3.58
N MET B 111 10.00 -15.30 4.71
CA MET B 111 10.35 -15.83 6.04
C MET B 111 9.95 -17.28 6.23
N GLN B 112 8.84 -17.67 5.62
CA GLN B 112 8.30 -19.02 5.78
C GLN B 112 9.10 -20.09 5.01
N ASP B 113 10.03 -19.66 4.15
CA ASP B 113 10.94 -20.59 3.50
C ASP B 113 12.01 -21.09 4.48
N PHE B 114 12.28 -20.29 5.51
CA PHE B 114 13.25 -20.62 6.54
C PHE B 114 12.53 -21.07 7.81
N GLN B 115 11.58 -20.25 8.27
CA GLN B 115 10.71 -20.61 9.39
C GLN B 115 9.77 -21.73 8.96
N ASN C 5 -34.25 -16.89 1.49
CA ASN C 5 -33.37 -17.44 2.57
C ASN C 5 -32.83 -16.33 3.49
N LYS C 6 -32.89 -16.57 4.79
CA LYS C 6 -32.49 -15.60 5.81
C LYS C 6 -30.97 -15.54 5.97
N GLU C 7 -30.32 -16.71 5.98
CA GLU C 7 -28.86 -16.75 6.15
C GLU C 7 -28.18 -16.13 4.92
N LYS C 8 -28.70 -16.41 3.73
CA LYS C 8 -28.17 -15.82 2.50
C LYS C 8 -28.53 -14.34 2.36
N ALA C 9 -29.61 -13.90 2.99
CA ALA C 9 -29.97 -12.48 3.00
C ALA C 9 -28.95 -11.70 3.83
N ASP C 10 -28.59 -12.25 4.99
CA ASP C 10 -27.63 -11.62 5.90
C ASP C 10 -26.27 -11.47 5.27
N GLN C 11 -25.78 -12.53 4.62
CA GLN C 11 -24.42 -12.50 4.05
C GLN C 11 -24.34 -11.74 2.71
N GLN C 12 -25.47 -11.60 2.02
CA GLN C 12 -25.57 -10.75 0.82
C GLN C 12 -25.59 -9.29 1.25
N LYS C 13 -26.24 -9.02 2.38
CA LYS C 13 -26.22 -7.70 3.02
C LYS C 13 -24.82 -7.33 3.52
N ALA C 14 -24.13 -8.30 4.13
CA ALA C 14 -22.78 -8.07 4.66
C ALA C 14 -21.81 -7.68 3.54
N ILE C 15 -21.88 -8.41 2.43
CA ILE C 15 -21.05 -8.12 1.25
C ILE C 15 -21.32 -6.71 0.71
N THR C 16 -22.59 -6.37 0.55
CA THR C 16 -22.97 -5.04 0.07
C THR C 16 -22.41 -3.95 0.96
N ASP C 17 -22.52 -4.14 2.28
CA ASP C 17 -22.00 -3.16 3.22
C ASP C 17 -20.49 -3.03 3.13
N ILE C 18 -19.80 -4.16 3.05
CA ILE C 18 -18.34 -4.15 2.96
C ILE C 18 -17.87 -3.49 1.67
N VAL C 19 -18.52 -3.79 0.55
CA VAL C 19 -18.23 -3.08 -0.70
C VAL C 19 -18.49 -1.57 -0.56
N ALA C 20 -19.59 -1.17 0.10
CA ALA C 20 -19.88 0.27 0.30
C ALA C 20 -18.83 0.97 1.17
N LEU C 21 -18.38 0.28 2.21
CA LEU C 21 -17.36 0.80 3.11
C LEU C 21 -15.99 0.92 2.41
N GLU C 22 -15.61 -0.10 1.65
CA GLU C 22 -14.35 -0.04 0.88
C GLU C 22 -14.37 1.11 -0.13
N ASN C 23 -15.51 1.29 -0.80
CA ASN C 23 -15.67 2.42 -1.72
C ASN C 23 -15.56 3.76 -0.99
N ALA C 24 -16.17 3.86 0.19
CA ALA C 24 -16.03 5.08 1.02
C ALA C 24 -14.59 5.30 1.46
N LEU C 25 -13.92 4.22 1.85
CA LEU C 25 -12.51 4.30 2.26
C LEU C 25 -11.60 4.69 1.11
N ASP C 26 -11.87 4.19 -0.09
CA ASP C 26 -11.11 4.62 -1.29
C ASP C 26 -11.31 6.11 -1.56
N MET C 27 -12.53 6.60 -1.40
CA MET C 27 -12.81 8.02 -1.58
CA MET C 27 -12.82 8.02 -1.57
C MET C 27 -12.07 8.84 -0.53
N TYR C 28 -12.03 8.35 0.71
CA TYR C 28 -11.21 9.07 1.74
C TYR C 28 -9.77 9.17 1.29
N LYS C 29 -9.19 8.05 0.85
CA LYS C 29 -7.82 8.06 0.35
C LYS C 29 -7.68 8.89 -0.91
N LEU C 30 -8.67 8.87 -1.80
CA LEU C 30 -8.63 9.73 -3.00
CA LEU C 30 -8.62 9.72 -3.00
C LEU C 30 -8.38 11.19 -2.61
N ASP C 31 -9.06 11.64 -1.57
CA ASP C 31 -8.93 13.04 -1.08
C ASP C 31 -7.69 13.28 -0.27
N ASN C 32 -7.34 12.33 0.59
CA ASN C 32 -6.38 12.62 1.65
C ASN C 32 -5.04 11.90 1.56
N SER C 33 -4.92 11.02 0.56
CA SER C 33 -3.68 10.32 0.19
C SER C 33 -3.31 9.13 1.10
N VAL C 34 -4.10 8.91 2.16
CA VAL C 34 -3.92 7.78 3.08
C VAL C 34 -5.28 7.25 3.49
N TYR C 35 -5.31 5.99 3.94
CA TYR C 35 -6.52 5.46 4.56
C TYR C 35 -6.58 5.86 6.03
N PRO C 36 -7.79 5.87 6.62
CA PRO C 36 -7.89 5.98 8.07
C PRO C 36 -7.08 4.88 8.74
N THR C 37 -6.43 5.19 9.85
CA THR C 37 -5.71 4.18 10.62
C THR C 37 -6.73 3.40 11.44
N THR C 38 -6.31 2.29 12.02
CA THR C 38 -7.19 1.50 12.88
C THR C 38 -7.81 2.34 14.01
N ASP C 39 -7.01 3.16 14.67
CA ASP C 39 -7.50 4.00 15.76
C ASP C 39 -8.50 5.07 15.29
N GLN C 40 -8.33 5.58 14.08
CA GLN C 40 -9.28 6.56 13.55
C GLN C 40 -10.58 5.83 13.18
N GLY C 41 -10.43 4.62 12.63
CA GLY C 41 -11.55 3.71 12.43
C GLY C 41 -12.51 4.10 11.32
N LEU C 42 -13.58 3.34 11.20
CA LEU C 42 -14.60 3.67 10.21
C LEU C 42 -15.27 5.01 10.51
N GLU C 43 -15.23 5.46 11.77
CA GLU C 43 -15.78 6.77 12.15
C GLU C 43 -15.15 7.90 11.33
N ALA C 44 -13.92 7.72 10.85
CA ALA C 44 -13.27 8.70 9.98
C ALA C 44 -14.07 8.97 8.72
N LEU C 45 -14.93 8.02 8.33
CA LEU C 45 -15.78 8.22 7.17
C LEU C 45 -16.92 9.21 7.43
N VAL C 46 -17.20 9.51 8.69
CA VAL C 46 -18.39 10.23 9.10
C VAL C 46 -18.01 11.63 9.59
N THR C 47 -16.97 11.71 10.41
CA THR C 47 -16.44 13.01 10.83
C THR C 47 -14.92 13.04 10.77
N LYS C 48 -14.38 14.24 10.58
CA LYS C 48 -12.95 14.39 10.42
C LYS C 48 -12.21 13.82 11.62
N PRO C 49 -11.26 12.91 11.40
CA PRO C 49 -10.56 12.27 12.52
C PRO C 49 -9.33 13.05 12.95
N SER C 50 -8.68 12.55 14.00
CA SER C 50 -7.48 13.13 14.55
C SER C 50 -6.36 12.13 14.51
N SER C 51 -5.14 12.63 14.66
CA SER C 51 -3.98 11.82 15.06
C SER C 51 -3.66 10.70 14.06
N PRO C 52 -3.23 11.07 12.84
CA PRO C 52 -3.03 12.39 12.29
C PRO C 52 -4.24 12.93 11.56
N GLU C 53 -4.53 14.22 11.72
CA GLU C 53 -5.66 14.86 11.04
C GLU C 53 -5.47 14.97 9.52
N PRO C 54 -6.40 14.43 8.71
CA PRO C 54 -6.28 14.58 7.26
C PRO C 54 -6.34 16.06 6.83
N ARG C 55 -5.66 16.40 5.75
CA ARG C 55 -5.51 17.80 5.31
C ARG C 55 -6.45 18.20 4.19
N ASN C 56 -7.21 17.26 3.66
CA ASN C 56 -8.18 17.54 2.61
C ASN C 56 -9.54 16.87 2.85
N TYR C 57 -10.04 16.93 4.07
CA TYR C 57 -11.25 16.19 4.43
C TYR C 57 -12.49 16.81 3.80
N ARG C 58 -13.31 15.98 3.18
CA ARG C 58 -14.53 16.40 2.52
C ARG C 58 -15.59 16.83 3.55
N ASN C 59 -16.14 18.04 3.39
CA ASN C 59 -17.27 18.48 4.23
C ASN C 59 -18.41 17.49 4.16
N GLY C 60 -18.83 17.01 5.32
CA GLY C 60 -19.94 16.07 5.40
C GLY C 60 -19.50 14.62 5.42
N GLY C 61 -18.24 14.34 5.07
CA GLY C 61 -17.69 13.00 5.16
C GLY C 61 -17.90 12.18 3.89
N TYR C 62 -17.78 10.86 4.03
CA TYR C 62 -17.67 9.95 2.87
C TYR C 62 -18.76 8.92 2.78
N ILE C 63 -19.59 8.88 3.81
CA ILE C 63 -20.70 7.97 3.90
C ILE C 63 -21.64 8.71 4.86
N LYS C 64 -22.93 8.56 4.64
CA LYS C 64 -23.93 9.19 5.54
C LYS C 64 -23.62 8.90 7.00
N ARG C 65 -23.49 7.60 7.26
CA ARG C 65 -23.31 7.02 8.57
C ARG C 65 -22.94 5.55 8.38
N LEU C 66 -22.29 5.00 9.38
CA LEU C 66 -21.80 3.64 9.32
C LEU C 66 -22.99 2.68 9.40
N PRO C 67 -23.11 1.76 8.43
CA PRO C 67 -24.13 0.74 8.57
C PRO C 67 -23.76 -0.22 9.69
N LYS C 68 -24.74 -0.92 10.24
CA LYS C 68 -24.48 -2.00 11.16
C LYS C 68 -24.57 -3.30 10.39
N ASP C 69 -23.93 -4.34 10.92
CA ASP C 69 -23.95 -5.66 10.27
C ASP C 69 -25.29 -6.37 10.51
N PRO C 70 -25.51 -7.51 9.83
CA PRO C 70 -26.82 -8.15 9.98
C PRO C 70 -27.24 -8.52 11.40
N TRP C 71 -26.30 -8.55 12.35
CA TRP C 71 -26.61 -8.94 13.72
C TRP C 71 -26.56 -7.74 14.66
N GLY C 72 -26.55 -6.55 14.07
CA GLY C 72 -26.64 -5.32 14.83
C GLY C 72 -25.32 -4.87 15.42
N ASN C 73 -24.22 -5.41 14.92
CA ASN C 73 -22.89 -5.04 15.41
C ASN C 73 -22.16 -4.17 14.41
N GLU C 74 -21.26 -3.33 14.91
CA GLU C 74 -20.48 -2.45 14.05
C GLU C 74 -19.52 -3.28 13.21
N TYR C 75 -19.32 -2.87 11.97
CA TYR C 75 -18.27 -3.46 11.14
C TYR C 75 -16.89 -3.15 11.73
N GLN C 76 -15.97 -4.09 11.56
CA GLN C 76 -14.62 -3.97 12.08
C GLN C 76 -13.64 -3.50 11.00
N TYR C 77 -12.56 -2.85 11.42
CA TYR C 77 -11.63 -2.24 10.48
C TYR C 77 -10.21 -2.23 11.03
N MET C 78 -9.25 -2.60 10.18
CA MET C 78 -7.82 -2.55 10.54
C MET C 78 -7.00 -1.94 9.42
N SER C 79 -6.22 -0.93 9.75
CA SER C 79 -5.28 -0.33 8.83
C SER C 79 -4.02 0.12 9.58
N PRO C 80 -2.88 -0.53 9.34
CA PRO C 80 -2.64 -1.62 8.40
C PRO C 80 -3.37 -2.91 8.76
N GLY C 81 -3.85 -3.63 7.74
CA GLY C 81 -4.59 -4.87 7.94
C GLY C 81 -3.67 -6.05 8.11
N ASP C 82 -4.21 -7.17 8.60
CA ASP C 82 -3.44 -8.41 8.67
C ASP C 82 -3.58 -9.22 7.39
N LYS C 83 -4.76 -9.17 6.78
CA LYS C 83 -5.07 -9.94 5.58
C LYS C 83 -4.77 -9.18 4.29
N GLY C 84 -4.68 -7.86 4.38
CA GLY C 84 -4.37 -7.01 3.24
C GLY C 84 -4.03 -5.62 3.72
N THR C 85 -3.93 -4.67 2.79
CA THR C 85 -3.60 -3.30 3.15
C THR C 85 -4.59 -2.75 4.18
N ILE C 86 -5.88 -2.88 3.89
CA ILE C 86 -6.92 -2.61 4.89
C ILE C 86 -7.84 -3.82 4.98
N ASP C 87 -8.27 -4.14 6.21
CA ASP C 87 -9.26 -5.20 6.45
C ASP C 87 -10.59 -4.58 6.87
N ILE C 88 -11.67 -5.00 6.22
CA ILE C 88 -13.02 -4.56 6.56
C ILE C 88 -13.85 -5.80 6.70
N PHE C 89 -14.53 -5.95 7.84
CA PHE C 89 -15.17 -7.23 8.12
C PHE C 89 -16.24 -7.20 9.18
N THR C 90 -17.10 -8.23 9.13
CA THR C 90 -18.01 -8.55 10.21
C THR C 90 -17.56 -9.89 10.79
N LEU C 91 -17.70 -10.04 12.10
CA LEU C 91 -17.33 -11.27 12.80
C LEU C 91 -18.48 -12.27 12.88
N GLY C 92 -19.60 -11.95 12.24
CA GLY C 92 -20.72 -12.89 12.17
C GLY C 92 -21.59 -12.91 13.41
N ALA C 93 -22.51 -13.88 13.44
CA ALA C 93 -23.61 -13.94 14.42
C ALA C 93 -23.27 -13.76 15.92
N ASP C 94 -22.05 -14.16 16.30
CA ASP C 94 -21.65 -14.14 17.71
C ASP C 94 -20.66 -13.06 18.12
N GLY C 95 -20.19 -12.28 17.16
CA GLY C 95 -19.25 -11.19 17.43
C GLY C 95 -17.90 -11.73 17.85
N GLN C 96 -17.53 -12.86 17.27
CA GLN C 96 -16.31 -13.56 17.64
C GLN C 96 -15.63 -14.08 16.37
N GLU C 97 -14.32 -14.24 16.44
CA GLU C 97 -13.53 -14.64 15.29
C GLU C 97 -13.79 -16.07 14.83
N GLY C 98 -13.65 -16.28 13.53
CA GLY C 98 -13.76 -17.61 12.94
C GLY C 98 -15.16 -18.19 12.98
N GLY C 99 -15.23 -19.51 13.08
CA GLY C 99 -16.51 -20.24 13.02
C GLY C 99 -16.99 -20.35 11.59
N GLU C 100 -18.04 -21.16 11.40
CA GLU C 100 -18.66 -21.33 10.08
C GLU C 100 -20.17 -21.00 10.15
N GLY C 101 -20.85 -21.18 9.00
CA GLY C 101 -22.27 -20.85 8.85
C GLY C 101 -22.55 -19.38 9.12
N ALA C 102 -23.48 -19.13 10.03
CA ALA C 102 -23.89 -17.78 10.40
C ALA C 102 -22.84 -17.09 11.26
N ALA C 103 -21.99 -17.87 11.93
CA ALA C 103 -20.86 -17.30 12.69
C ALA C 103 -19.68 -16.90 11.81
N ALA C 104 -19.69 -17.31 10.54
CA ALA C 104 -18.57 -17.08 9.61
C ALA C 104 -18.19 -15.62 9.48
N ASP C 105 -16.89 -15.36 9.52
CA ASP C 105 -16.36 -14.03 9.23
C ASP C 105 -16.49 -13.74 7.74
N ILE C 106 -16.85 -12.51 7.42
CA ILE C 106 -16.96 -12.07 6.05
C ILE C 106 -16.18 -10.77 5.99
N GLY C 107 -15.09 -10.77 5.23
CA GLY C 107 -14.29 -9.56 5.04
C GLY C 107 -13.96 -9.33 3.59
N ASN C 108 -13.31 -8.21 3.30
CA ASN C 108 -12.97 -7.86 1.91
C ASN C 108 -11.95 -8.83 1.28
N TRP C 109 -11.26 -9.61 2.09
CA TRP C 109 -10.36 -10.67 1.61
C TRP C 109 -11.08 -11.94 1.12
N ASN C 110 -12.25 -12.26 1.66
CA ASN C 110 -12.96 -13.51 1.33
C ASN C 110 -14.43 -13.34 0.91
N MET C 111 -14.75 -12.25 0.22
CA MET C 111 -16.11 -12.04 -0.30
C MET C 111 -16.48 -13.06 -1.37
N GLN C 112 -15.48 -13.69 -1.97
CA GLN C 112 -15.68 -14.66 -3.04
C GLN C 112 -16.32 -15.95 -2.51
N ASP C 113 -15.91 -16.35 -1.30
CA ASP C 113 -16.43 -17.55 -0.65
C ASP C 113 -17.95 -17.50 -0.51
N PHE C 114 -18.49 -16.34 -0.13
CA PHE C 114 -19.90 -16.18 0.21
C PHE C 114 -20.72 -15.58 -0.93
N GLN C 115 -20.34 -15.87 -2.18
CA GLN C 115 -20.93 -15.22 -3.34
C GLN C 115 -21.95 -16.13 -4.02
#